data_3VPY
#
_entry.id   3VPY
#
_cell.length_a   48.564
_cell.length_b   48.709
_cell.length_c   54.688
_cell.angle_alpha   90.00
_cell.angle_beta   90.00
_cell.angle_gamma   90.00
#
_symmetry.space_group_name_H-M   'P 21 21 21'
#
loop_
_entity.id
_entity.type
_entity.pdbx_description
1 polymer 'FHA domain-containing protein DDL'
2 water water
#
_entity_poly.entity_id   1
_entity_poly.type   'polypeptide(L)'
_entity_poly.pdbx_seq_one_letter_code
;TLLFNEPPEARKPSERWRLYVFKDGEPLNEPLCLHRQSCYLFGRERRIADIPTDHPSCSKQHAVIQYRE(MSE)EKEKPD
G(MSE)(MSE)GKQVKPYI(MSE)DLGSTNKTYINESPIEPQRYYELFEKDTIKFGNSSREYVLLHENSAELEHHHHHHH
H
;
_entity_poly.pdbx_strand_id   A
#
# COMPACT_ATOMS: atom_id res chain seq x y z
N THR A 1 13.23 -15.74 -8.98
CA THR A 1 11.78 -15.99 -9.24
C THR A 1 10.88 -14.85 -8.76
N LEU A 2 11.27 -14.14 -7.69
CA LEU A 2 10.59 -12.88 -7.33
C LEU A 2 10.87 -11.87 -8.42
N LEU A 3 9.85 -11.11 -8.80
CA LEU A 3 9.93 -10.17 -9.92
C LEU A 3 10.20 -8.73 -9.47
N PHE A 4 10.65 -8.57 -8.22
CA PHE A 4 10.99 -7.24 -7.74
C PHE A 4 12.11 -7.35 -6.73
N ASN A 5 12.86 -6.25 -6.60
CA ASN A 5 13.84 -6.07 -5.55
C ASN A 5 13.37 -4.95 -4.64
N GLU A 6 13.71 -5.04 -3.36
CA GLU A 6 13.56 -3.89 -2.47
C GLU A 6 14.73 -2.91 -2.65
N PRO A 7 14.44 -1.61 -2.65
CA PRO A 7 15.51 -0.64 -2.87
C PRO A 7 16.31 -0.39 -1.58
N PRO A 8 17.49 0.27 -1.68
CA PRO A 8 18.33 0.53 -0.49
C PRO A 8 17.57 1.22 0.65
N GLU A 9 16.61 2.08 0.28
CA GLU A 9 15.92 2.92 1.26
C GLU A 9 14.72 2.23 1.90
N ALA A 10 14.52 0.95 1.59
CA ALA A 10 13.43 0.18 2.18
C ALA A 10 13.56 0.14 3.70
N ARG A 11 12.45 0.38 4.38
CA ARG A 11 12.39 0.31 5.85
C ARG A 11 10.98 -0.07 6.27
N LYS A 12 10.88 -0.81 7.38
CA LYS A 12 9.60 -1.07 7.99
C LYS A 12 9.02 0.25 8.51
N PRO A 13 7.73 0.51 8.26
CA PRO A 13 7.12 1.76 8.76
C PRO A 13 6.84 1.67 10.26
N SER A 14 6.68 2.86 10.88
CA SER A 14 6.17 2.95 12.26
C SER A 14 4.66 3.30 12.31
N GLU A 15 4.18 4.07 11.34
CA GLU A 15 2.74 4.32 11.20
C GLU A 15 1.99 3.01 10.98
N ARG A 16 0.84 2.87 11.63
CA ARG A 16 0.08 1.62 11.59
C ARG A 16 -0.83 1.51 10.37
N TRP A 17 -0.21 1.55 9.19
CA TRP A 17 -0.99 1.43 7.97
C TRP A 17 -1.71 0.08 7.90
N ARG A 18 -2.96 0.12 7.49
CA ARG A 18 -3.75 -1.10 7.31
C ARG A 18 -4.51 -1.00 6.00
N LEU A 19 -4.90 -2.14 5.46
CA LEU A 19 -5.55 -2.18 4.18
C LEU A 19 -6.92 -2.84 4.36
N TYR A 20 -7.96 -2.03 4.23
CA TYR A 20 -9.34 -2.51 4.32
C TYR A 20 -9.70 -3.15 3.00
N VAL A 21 -10.37 -4.31 3.08
CA VAL A 21 -10.74 -5.09 1.91
C VAL A 21 -12.25 -5.05 1.65
N PHE A 22 -12.61 -4.99 0.37
CA PHE A 22 -14.01 -5.08 -0.03
C PHE A 22 -14.13 -6.27 -0.98
N LYS A 23 -15.20 -7.04 -0.80
CA LYS A 23 -15.54 -8.13 -1.69
C LYS A 23 -16.93 -7.78 -2.22
N ASP A 24 -17.01 -7.57 -3.54
CA ASP A 24 -18.24 -7.11 -4.18
C ASP A 24 -18.83 -5.90 -3.44
N GLY A 25 -17.96 -4.98 -3.03
CA GLY A 25 -18.41 -3.72 -2.44
C GLY A 25 -18.75 -3.74 -0.96
N GLU A 26 -18.62 -4.91 -0.33
CA GLU A 26 -18.85 -5.00 1.11
C GLU A 26 -17.59 -5.38 1.90
N PRO A 27 -17.47 -4.82 3.12
CA PRO A 27 -16.26 -4.98 3.90
C PRO A 27 -16.03 -6.39 4.45
N LEU A 28 -14.78 -6.83 4.48
CA LEU A 28 -14.41 -7.96 5.33
C LEU A 28 -14.40 -7.59 6.83
N ASN A 29 -14.23 -8.58 7.69
CA ASN A 29 -14.30 -8.32 9.12
C ASN A 29 -13.14 -7.45 9.64
N GLU A 30 -11.94 -7.67 9.11
CA GLU A 30 -10.78 -6.96 9.62
C GLU A 30 -9.89 -6.49 8.49
N PRO A 31 -9.21 -5.35 8.68
CA PRO A 31 -8.25 -4.94 7.68
C PRO A 31 -7.00 -5.78 7.79
N LEU A 32 -6.23 -5.79 6.72
CA LEU A 32 -4.97 -6.49 6.72
C LEU A 32 -3.92 -5.56 7.31
N CYS A 33 -3.07 -6.12 8.14
CA CYS A 33 -1.93 -5.38 8.65
C CYS A 33 -1.03 -5.04 7.45
N LEU A 34 -0.67 -3.77 7.33
CA LEU A 34 0.28 -3.37 6.28
C LEU A 34 1.48 -2.62 6.85
N HIS A 35 1.91 -2.98 8.05
CA HIS A 35 2.97 -2.22 8.71
C HIS A 35 3.96 -3.09 9.48
N ARG A 36 3.94 -4.40 9.24
CA ARG A 36 4.90 -5.29 9.91
C ARG A 36 6.03 -5.81 9.02
N GLN A 37 6.09 -5.35 7.76
CA GLN A 37 7.27 -5.59 6.96
C GLN A 37 7.46 -4.44 5.99
N SER A 38 8.62 -4.41 5.34
CA SER A 38 8.96 -3.27 4.50
C SER A 38 8.39 -3.38 3.09
N CYS A 39 7.92 -4.57 2.72
CA CYS A 39 7.32 -4.79 1.41
C CYS A 39 6.23 -5.85 1.45
N TYR A 40 5.13 -5.57 0.77
CA TYR A 40 4.04 -6.52 0.61
C TYR A 40 3.78 -6.85 -0.86
N LEU A 41 3.94 -8.12 -1.21
CA LEU A 41 3.67 -8.60 -2.56
C LEU A 41 2.22 -9.02 -2.72
N PHE A 42 1.56 -8.47 -3.73
CA PHE A 42 0.19 -8.86 -4.11
C PHE A 42 0.25 -9.70 -5.37
N GLY A 43 -0.44 -10.82 -5.37
CA GLY A 43 -0.46 -11.64 -6.57
C GLY A 43 -1.29 -12.88 -6.44
N ARG A 44 -1.53 -13.50 -7.58
CA ARG A 44 -2.36 -14.71 -7.62
C ARG A 44 -1.63 -15.96 -7.12
N GLU A 45 -0.30 -15.92 -7.14
CA GLU A 45 0.50 -17.09 -6.72
C GLU A 45 0.62 -17.17 -5.19
N ARG A 46 -0.20 -18.02 -4.58
CA ARG A 46 -0.27 -18.11 -3.12
C ARG A 46 1.03 -18.54 -2.45
N ARG A 47 1.90 -19.23 -3.20
CA ARG A 47 3.19 -19.69 -2.69
C ARG A 47 4.12 -18.53 -2.30
N ILE A 48 3.98 -17.39 -2.97
CA ILE A 48 4.88 -16.27 -2.69
C ILE A 48 4.20 -14.94 -2.33
N ALA A 49 2.95 -14.75 -2.74
CA ALA A 49 2.24 -13.51 -2.37
C ALA A 49 2.07 -13.36 -0.85
N ASP A 50 2.35 -12.15 -0.35
CA ASP A 50 1.96 -11.78 1.03
C ASP A 50 0.47 -11.61 1.17
N ILE A 51 -0.15 -11.01 0.16
CA ILE A 51 -1.59 -10.79 0.14
C ILE A 51 -2.11 -11.38 -1.16
N PRO A 52 -2.86 -12.50 -1.08
CA PRO A 52 -3.20 -13.14 -2.34
C PRO A 52 -4.31 -12.38 -3.04
N THR A 53 -4.19 -12.26 -4.36
CA THR A 53 -5.21 -11.64 -5.18
C THR A 53 -5.73 -12.73 -6.10
N ASP A 54 -6.76 -13.43 -5.64
CA ASP A 54 -7.20 -14.67 -6.27
C ASP A 54 -7.98 -14.49 -7.58
N HIS A 55 -8.49 -13.30 -7.84
CA HIS A 55 -9.30 -13.09 -9.05
C HIS A 55 -8.52 -13.49 -10.32
N PRO A 56 -9.17 -14.22 -11.24
CA PRO A 56 -8.44 -14.73 -12.39
C PRO A 56 -7.84 -13.65 -13.32
N SER A 57 -8.23 -12.39 -13.17
CA SER A 57 -7.60 -11.35 -14.02
C SER A 57 -6.23 -10.92 -13.49
N CYS A 58 -5.91 -11.35 -12.28
CA CYS A 58 -4.67 -10.92 -11.63
C CYS A 58 -3.46 -11.75 -12.01
N SER A 59 -2.29 -11.11 -12.08
CA SER A 59 -1.06 -11.82 -12.45
C SER A 59 -0.50 -12.56 -11.24
N LYS A 60 0.38 -13.56 -11.49
CA LYS A 60 0.99 -14.34 -10.42
C LYS A 60 1.69 -13.46 -9.37
N GLN A 61 2.46 -12.51 -9.89
CA GLN A 61 3.06 -11.43 -9.09
C GLN A 61 2.63 -10.11 -9.73
N HIS A 62 1.72 -9.41 -9.06
CA HIS A 62 0.96 -8.35 -9.71
C HIS A 62 1.53 -6.99 -9.35
N ALA A 63 1.66 -6.71 -8.06
CA ALA A 63 2.09 -5.38 -7.59
C ALA A 63 2.75 -5.55 -6.24
N VAL A 64 3.59 -4.58 -5.87
CA VAL A 64 4.13 -4.52 -4.50
C VAL A 64 3.75 -3.18 -3.86
N ILE A 65 3.50 -3.20 -2.55
CA ILE A 65 3.54 -1.95 -1.78
C ILE A 65 4.86 -1.97 -1.02
N GLN A 66 5.69 -0.98 -1.33
CA GLN A 66 7.06 -0.89 -0.85
C GLN A 66 7.16 0.31 0.06
N TYR A 67 7.57 0.09 1.31
CA TYR A 67 7.88 1.19 2.22
C TYR A 67 9.29 1.70 1.95
N ARG A 68 9.42 3.03 1.87
CA ARG A 68 10.67 3.72 1.56
C ARG A 68 10.92 4.88 2.52
N GLU A 69 12.15 4.95 3.05
CA GLU A 69 12.55 6.06 3.90
C GLU A 69 12.95 7.23 3.01
N GLU A 71 13.10 11.90 2.74
CA GLU A 71 13.17 13.16 3.51
C GLU A 71 11.81 13.65 4.00
N LYS A 72 11.83 14.38 5.09
CA LYS A 72 10.62 14.99 5.62
C LYS A 72 10.98 16.36 6.14
N GLU A 73 10.34 17.38 5.59
CA GLU A 73 10.55 18.71 6.09
C GLU A 73 9.65 18.91 7.29
N LYS A 74 10.25 19.29 8.41
CA LYS A 74 9.46 19.61 9.60
C LYS A 74 8.83 21.00 9.42
N PRO A 75 7.72 21.28 10.14
CA PRO A 75 7.11 22.61 10.21
C PRO A 75 8.09 23.79 10.37
N ASP A 76 9.22 23.56 11.04
CA ASP A 76 10.19 24.64 11.29
C ASP A 76 11.27 24.77 10.21
N GLY A 77 11.15 23.98 9.15
CA GLY A 77 12.10 24.02 8.02
C GLY A 77 13.32 23.13 8.16
N GLY A 80 14.07 16.12 8.55
CA GLY A 80 13.93 14.83 9.17
C GLY A 80 13.74 13.78 8.10
N LYS A 81 13.09 12.68 8.47
CA LYS A 81 12.81 11.60 7.52
C LYS A 81 11.50 10.98 7.88
N GLN A 82 10.94 10.24 6.95
CA GLN A 82 9.75 9.47 7.24
C GLN A 82 9.77 8.23 6.36
N VAL A 83 9.04 7.20 6.77
CA VAL A 83 8.88 6.01 5.96
C VAL A 83 7.45 5.98 5.43
N LYS A 84 7.31 5.91 4.10
CA LYS A 84 6.01 6.05 3.46
C LYS A 84 5.76 4.94 2.47
N PRO A 85 4.47 4.61 2.23
CA PRO A 85 4.10 3.54 1.31
C PRO A 85 4.11 4.00 -0.14
N TYR A 86 4.67 3.16 -1.01
CA TYR A 86 4.64 3.36 -2.48
C TYR A 86 4.16 2.09 -3.15
N ILE A 87 3.32 2.21 -4.17
CA ILE A 87 2.89 1.00 -4.89
C ILE A 87 3.67 0.92 -6.20
N ASP A 89 3.42 -1.46 -9.85
CA ASP A 89 2.88 -2.55 -10.65
C ASP A 89 4.03 -3.29 -11.34
N LEU A 90 3.95 -4.61 -11.39
CA LEU A 90 5.09 -5.40 -11.87
C LEU A 90 4.92 -5.80 -13.32
N GLY A 91 4.29 -4.93 -14.10
CA GLY A 91 4.02 -5.23 -15.51
C GLY A 91 2.88 -6.21 -15.77
N SER A 92 1.83 -6.07 -14.96
CA SER A 92 0.67 -6.95 -15.06
C SER A 92 -0.11 -6.67 -16.35
N THR A 93 -0.69 -7.71 -16.93
CA THR A 93 -1.47 -7.50 -18.13
C THR A 93 -2.66 -6.57 -17.87
N ASN A 94 -3.33 -6.78 -16.75
CA ASN A 94 -4.60 -6.11 -16.48
C ASN A 94 -4.50 -4.89 -15.57
N LYS A 95 -3.26 -4.53 -15.19
CA LYS A 95 -2.97 -3.23 -14.57
C LYS A 95 -3.28 -3.14 -13.09
N THR A 96 -2.77 -2.07 -12.47
CA THR A 96 -3.08 -1.73 -11.10
C THR A 96 -3.65 -0.34 -11.11
N TYR A 97 -4.74 -0.12 -10.38
CA TYR A 97 -5.47 1.16 -10.36
C TYR A 97 -5.42 1.80 -8.99
N ILE A 98 -5.09 3.10 -8.95
CA ILE A 98 -5.18 3.86 -7.71
C ILE A 98 -6.26 4.89 -7.96
N ASN A 99 -7.28 4.89 -7.12
CA ASN A 99 -8.39 5.84 -7.32
C ASN A 99 -8.92 5.82 -8.76
N GLU A 100 -9.15 4.61 -9.27
CA GLU A 100 -9.73 4.37 -10.58
C GLU A 100 -8.86 4.67 -11.81
N SER A 101 -7.63 5.08 -11.60
CA SER A 101 -6.73 5.40 -12.71
C SER A 101 -5.52 4.45 -12.70
N PRO A 102 -5.18 3.83 -13.84
CA PRO A 102 -4.07 2.87 -13.89
C PRO A 102 -2.72 3.56 -13.70
N ILE A 103 -1.74 2.82 -13.22
CA ILE A 103 -0.37 3.30 -13.08
C ILE A 103 0.57 2.72 -14.12
N GLU A 104 1.60 3.49 -14.47
CA GLU A 104 2.70 3.01 -15.29
C GLU A 104 3.45 1.89 -14.57
N PRO A 105 3.65 0.75 -15.24
CA PRO A 105 4.40 -0.32 -14.58
C PRO A 105 5.84 0.05 -14.23
N GLN A 106 6.37 -0.56 -13.18
CA GLN A 106 7.79 -0.45 -12.79
C GLN A 106 8.18 0.95 -12.35
N ARG A 107 7.22 1.66 -11.76
CA ARG A 107 7.44 3.00 -11.25
C ARG A 107 6.77 3.12 -9.88
N TYR A 108 7.47 3.71 -8.90
CA TYR A 108 6.85 3.87 -7.57
C TYR A 108 5.87 5.03 -7.58
N TYR A 109 4.67 4.80 -7.04
CA TYR A 109 3.67 5.84 -6.82
C TYR A 109 3.35 5.96 -5.34
N GLU A 110 3.54 7.16 -4.78
CA GLU A 110 3.24 7.36 -3.34
C GLU A 110 1.76 7.10 -3.06
N LEU A 111 1.49 6.40 -1.95
CA LEU A 111 0.11 6.14 -1.52
C LEU A 111 -0.26 7.00 -0.31
N PHE A 112 -1.55 7.35 -0.22
CA PHE A 112 -2.06 8.21 0.84
C PHE A 112 -3.26 7.59 1.53
N GLU A 113 -3.50 8.00 2.79
CA GLU A 113 -4.74 7.60 3.48
C GLU A 113 -5.93 7.86 2.57
N LYS A 114 -6.85 6.88 2.55
CA LYS A 114 -8.10 6.92 1.81
C LYS A 114 -7.98 6.54 0.34
N ASP A 115 -6.76 6.26 -0.12
CA ASP A 115 -6.61 5.77 -1.48
C ASP A 115 -7.34 4.45 -1.67
N THR A 116 -7.96 4.27 -2.84
CA THR A 116 -8.53 2.97 -3.18
C THR A 116 -7.67 2.30 -4.22
N ILE A 117 -7.41 1.03 -4.01
CA ILE A 117 -6.54 0.25 -4.87
C ILE A 117 -7.33 -0.92 -5.44
N LYS A 118 -7.12 -1.18 -6.72
CA LYS A 118 -7.74 -2.34 -7.38
C LYS A 118 -6.74 -2.98 -8.30
N PHE A 119 -6.71 -4.31 -8.31
CA PHE A 119 -5.78 -5.04 -9.17
C PHE A 119 -6.58 -5.67 -10.29
N GLY A 120 -6.13 -5.42 -11.52
CA GLY A 120 -6.76 -5.94 -12.71
C GLY A 120 -8.23 -5.61 -12.80
N ASN A 121 -9.04 -6.63 -13.08
CA ASN A 121 -10.49 -6.49 -13.17
C ASN A 121 -11.19 -7.18 -12.01
N SER A 122 -10.48 -7.22 -10.88
CA SER A 122 -10.94 -7.91 -9.70
C SER A 122 -12.26 -7.31 -9.18
N SER A 123 -13.07 -8.18 -8.57
CA SER A 123 -14.28 -7.82 -7.84
C SER A 123 -13.95 -7.32 -6.43
N ARG A 124 -12.67 -7.38 -6.07
CA ARG A 124 -12.20 -6.87 -4.77
C ARG A 124 -11.53 -5.50 -4.91
N GLU A 125 -11.56 -4.72 -3.82
CA GLU A 125 -10.89 -3.43 -3.81
C GLU A 125 -10.38 -3.23 -2.41
N TYR A 126 -9.43 -2.31 -2.28
CA TYR A 126 -8.75 -2.09 -1.01
C TYR A 126 -8.68 -0.59 -0.72
N VAL A 127 -8.82 -0.24 0.56
CA VAL A 127 -8.67 1.15 0.98
C VAL A 127 -7.59 1.24 2.06
N LEU A 128 -6.65 2.15 1.84
CA LEU A 128 -5.51 2.31 2.72
C LEU A 128 -5.81 3.34 3.81
N LEU A 129 -5.55 2.97 5.07
CA LEU A 129 -5.75 3.89 6.19
C LEU A 129 -4.72 3.64 7.25
N HIS A 130 -4.61 4.58 8.17
CA HIS A 130 -4.01 4.30 9.47
C HIS A 130 -4.79 4.97 10.59
N GLU A 131 -4.60 4.50 11.82
CA GLU A 131 -5.28 5.03 12.99
C GLU A 131 -4.90 6.48 13.32
N ASN A 132 -5.77 7.14 14.08
CA ASN A 132 -5.41 8.38 14.76
C ASN A 132 -4.95 8.03 16.17
N SER A 133 -4.08 8.87 16.70
CA SER A 133 -3.51 8.71 18.04
C SER A 133 -3.68 10.01 18.82
N ALA A 134 -3.79 9.92 20.14
CA ALA A 134 -3.79 11.10 20.99
C ALA A 134 -2.48 11.86 20.83
N GLU A 135 -1.37 11.11 20.72
CA GLU A 135 -0.05 11.70 20.52
C GLU A 135 0.05 12.42 19.17
N LEU A 136 -0.48 11.78 18.12
CA LEU A 136 -0.50 12.36 16.78
C LEU A 136 -1.33 13.64 16.77
N GLU A 137 -2.53 13.56 17.34
CA GLU A 137 -3.44 14.71 17.43
C GLU A 137 -2.87 15.88 18.25
N HIS A 138 -2.19 15.58 19.35
CA HIS A 138 -1.55 16.62 20.15
C HIS A 138 -0.40 17.28 19.38
N HIS A 139 0.37 16.47 18.65
CA HIS A 139 1.50 16.96 17.85
C HIS A 139 1.01 17.90 16.76
N HIS A 140 -0.10 17.55 16.13
CA HIS A 140 -0.70 18.37 15.07
C HIS A 140 -1.26 19.67 15.62
N HIS A 141 -1.89 19.60 16.80
CA HIS A 141 -2.45 20.77 17.48
C HIS A 141 -1.36 21.76 17.91
N HIS A 142 -0.24 21.22 18.38
CA HIS A 142 0.93 22.02 18.75
C HIS A 142 1.48 22.84 17.57
N HIS A 143 1.62 22.18 16.42
CA HIS A 143 2.17 22.80 15.20
C HIS A 143 1.20 23.81 14.57
N HIS A 144 -0.09 23.59 14.79
CA HIS A 144 -1.14 24.46 14.28
C HIS A 144 -1.28 25.70 15.16
N HIS A 145 -0.95 25.54 16.44
CA HIS A 145 -1.03 26.63 17.42
C HIS A 145 0.37 26.99 17.93
#